data_7E9Y
#
_entry.id   7E9Y
#
_cell.length_a   102.217
_cell.length_b   104.983
_cell.length_c   138.748
_cell.angle_alpha   90.000
_cell.angle_beta   90.000
_cell.angle_gamma   90.000
#
_symmetry.space_group_name_H-M   'C 2 2 21'
#
loop_
_entity.id
_entity.type
_entity.pdbx_description
1 polymer 'Lactate-binding periplasmic protein TTHA0766,Lactate-binding periplasmic protein TTHA0766'
2 non-polymer 'CALCIUM ION'
3 non-polymer '(2S)-2-HYDROXYPROPANOIC ACID'
4 water water
#
_entity_poly.entity_id   1
_entity_poly.type   'polypeptide(L)'
_entity_poly.pdbx_seq_one_letter_code
;HHHHHHGMASMTGGQQMGRDLYDDDDKDPSSRMFSPLAVAQARRYRWRIQTAWDAGTVGYSLFQKFTERVKELTDGQLEV
QPFPAGAVVGTFDMFDAVKTGVLDGMNPFTLYWAGRMPVTAFLSSYALGLDRPDQWETWFYSLGGLDNARRAFAEQGLFY
VGPVQHDLNTIHSRKPIRRFEDFKGVKLRVPGGMIAEVFAAAGASTVLLPGGEVYPALERGVIDWSHNVYIMADKQRNGI
KANFEIRHNIEDGGVQLAYHYQQNTPIGDGPVLLPDNHYLSTQTKLSKDPNEKRDHMVLLEFVTAAGITLGMDELYKGGT
GGRMVSKGEELFTGVVPILVELDGDVNGHKFSVSGEGEGDATSGKLTLKFICTTGKLPVPWPTLVTTL(CRO)VQCFSRY
PDHMKQHDFFKSAMPEGYIQERTIFFKDDGNYKTRAEVKFEGDTLVNRIELKGIDFKEDGNILGHKLEYSFNDGGAADFV
GPAVNYNLGFHQVAKYIIMGPPETPAIHQPVDLMDFTINLNRWRSLPKPLQERFIAAVHEYSWIHYAGIQKANLEAWPKY
RQAGVEVIRLSNEDVRKFRRLAIPIWFKWAKMDKYSREAFASQLEYMKGIGYVTDEELKGLSL
;
_entity_poly.pdbx_strand_id   A
#
# COMPACT_ATOMS: atom_id res chain seq x y z
N ARG A 43 40.73 22.63 -4.03
CA ARG A 43 41.03 21.75 -5.15
C ARG A 43 39.71 21.31 -5.81
N ARG A 44 39.54 19.99 -5.91
CA ARG A 44 38.25 19.41 -6.27
C ARG A 44 37.54 19.03 -4.97
N TYR A 45 36.26 19.39 -4.84
CA TYR A 45 35.45 19.05 -3.69
C TYR A 45 34.56 17.85 -4.03
N ARG A 46 34.52 16.87 -3.14
CA ARG A 46 33.71 15.69 -3.32
C ARG A 46 32.73 15.59 -2.16
N TRP A 47 31.45 15.47 -2.48
CA TRP A 47 30.39 15.35 -1.49
C TRP A 47 29.61 14.06 -1.70
N ARG A 48 29.53 13.23 -0.65
CA ARG A 48 28.65 12.06 -0.67
C ARG A 48 27.23 12.50 -0.31
N ILE A 49 26.26 12.22 -1.18
CA ILE A 49 24.87 12.61 -0.94
C ILE A 49 23.99 11.40 -1.23
N GLN A 50 23.22 11.00 -0.23
CA GLN A 50 22.26 9.91 -0.37
C GLN A 50 20.89 10.53 -0.56
N THR A 51 20.07 9.89 -1.39
CA THR A 51 18.72 10.35 -1.64
C THR A 51 17.71 9.38 -1.05
N ALA A 52 16.51 9.92 -0.81
CA ALA A 52 15.37 9.13 -0.36
C ALA A 52 14.89 8.18 -1.46
N TRP A 53 15.28 8.40 -2.70
CA TRP A 53 14.86 7.53 -3.79
C TRP A 53 15.63 6.21 -3.80
N ASP A 54 14.91 5.10 -3.97
CA ASP A 54 15.52 3.78 -4.16
C ASP A 54 16.05 3.65 -5.57
N ALA A 55 17.13 2.87 -5.71
CA ALA A 55 17.65 2.54 -7.02
C ALA A 55 16.57 1.85 -7.84
N GLY A 56 16.56 2.11 -9.13
CA GLY A 56 15.49 1.52 -9.90
C GLY A 56 14.17 2.24 -9.78
N THR A 57 14.18 3.48 -9.31
CA THR A 57 13.07 4.38 -9.51
C THR A 57 13.44 5.46 -10.52
N VAL A 58 12.41 6.01 -11.14
CA VAL A 58 12.56 7.21 -11.97
C VAL A 58 13.31 8.26 -11.18
N GLY A 59 12.97 8.36 -9.90
CA GLY A 59 13.58 9.38 -9.07
C GLY A 59 15.08 9.27 -9.02
N TYR A 60 15.58 8.05 -8.77
CA TYR A 60 17.03 7.90 -8.63
C TYR A 60 17.74 8.22 -9.94
N SER A 61 17.17 7.80 -11.07
CA SER A 61 17.79 8.12 -12.36
C SER A 61 17.94 9.62 -12.55
N LEU A 62 16.89 10.37 -12.20
CA LEU A 62 16.99 11.83 -12.32
C LEU A 62 18.07 12.38 -11.38
N PHE A 63 18.11 11.89 -10.13
CA PHE A 63 19.13 12.29 -9.14
C PHE A 63 20.53 11.98 -9.65
N GLN A 64 20.71 10.84 -10.30
CA GLN A 64 22.04 10.51 -10.82
C GLN A 64 22.47 11.50 -11.88
N LYS A 65 21.53 11.92 -12.75
CA LYS A 65 21.83 12.91 -13.78
C LYS A 65 22.13 14.26 -13.16
N PHE A 66 21.49 14.59 -12.03
CA PHE A 66 21.84 15.83 -11.35
C PHE A 66 23.32 15.88 -10.99
N THR A 67 23.88 14.77 -10.52
CA THR A 67 25.30 14.81 -10.16
C THR A 67 26.17 15.14 -11.38
N GLU A 68 25.77 14.73 -12.55
CA GLU A 68 26.54 15.13 -13.72
C GLU A 68 26.34 16.60 -14.07
N ARG A 69 25.15 17.14 -13.87
CA ARG A 69 24.91 18.55 -14.13
C ARG A 69 25.78 19.42 -13.22
N VAL A 70 25.98 19.00 -11.97
CA VAL A 70 26.71 19.80 -11.00
C VAL A 70 28.18 19.90 -11.38
N LYS A 71 28.75 18.78 -11.85
CA LYS A 71 30.11 18.77 -12.35
C LYS A 71 30.26 19.69 -13.55
N GLU A 72 29.33 19.61 -14.50
CA GLU A 72 29.33 20.51 -15.63
C GLU A 72 29.27 21.97 -15.16
N LEU A 73 28.33 22.29 -14.29
CA LEU A 73 28.17 23.69 -13.92
C LEU A 73 29.32 24.22 -13.09
N THR A 74 30.10 23.36 -12.42
CA THR A 74 31.24 23.82 -11.63
C THR A 74 32.59 23.51 -12.28
N ASP A 75 32.61 23.06 -13.53
CA ASP A 75 33.87 22.79 -14.22
C ASP A 75 34.66 21.69 -13.52
N GLY A 76 33.95 20.68 -13.01
CA GLY A 76 34.58 19.58 -12.30
C GLY A 76 35.00 19.91 -10.88
N GLN A 77 34.74 21.11 -10.39
CA GLN A 77 35.32 21.45 -9.10
C GLN A 77 34.50 20.93 -7.93
N LEU A 78 33.20 20.75 -8.11
CA LEU A 78 32.34 20.15 -7.11
C LEU A 78 31.78 18.87 -7.70
N GLU A 79 32.05 17.76 -7.05
CA GLU A 79 31.53 16.47 -7.49
C GLU A 79 30.62 15.91 -6.40
N VAL A 80 29.49 15.38 -6.82
CA VAL A 80 28.52 14.79 -5.92
C VAL A 80 28.56 13.32 -6.23
N GLN A 81 28.91 12.51 -5.23
CA GLN A 81 28.87 11.07 -5.33
C GLN A 81 27.48 10.63 -4.91
N PRO A 82 26.66 10.05 -5.79
CA PRO A 82 25.27 9.76 -5.43
C PRO A 82 25.11 8.37 -4.82
N PHE A 83 24.19 8.30 -3.87
CA PHE A 83 23.87 7.04 -3.24
C PHE A 83 22.37 6.81 -3.14
N PRO A 84 21.89 5.66 -3.60
CA PRO A 84 20.47 5.33 -3.43
C PRO A 84 20.12 5.09 -1.97
N ALA A 85 18.83 5.07 -1.72
CA ALA A 85 18.35 4.92 -0.35
C ALA A 85 18.89 3.66 0.30
N GLY A 86 19.33 3.81 1.55
CA GLY A 86 19.90 2.72 2.30
C GLY A 86 21.37 2.40 2.02
N ALA A 87 21.98 2.96 1.00
CA ALA A 87 23.31 2.47 0.64
C ALA A 87 24.38 2.86 1.66
N VAL A 88 24.19 3.96 2.35
CA VAL A 88 25.13 4.45 3.35
C VAL A 88 24.53 4.37 4.75
N VAL A 89 23.30 4.87 4.91
CA VAL A 89 22.57 4.76 6.16
C VAL A 89 21.11 4.58 5.78
N GLY A 90 20.31 4.08 6.72
CA GLY A 90 18.87 4.07 6.52
C GLY A 90 18.33 5.44 6.17
N THR A 91 17.23 5.44 5.42
CA THR A 91 16.63 6.70 4.97
C THR A 91 16.38 7.65 6.12
N PHE A 92 15.70 7.17 7.17
CA PHE A 92 15.38 8.05 8.29
C PHE A 92 16.57 8.35 9.17
N ASP A 93 17.72 7.74 8.91
CA ASP A 93 18.94 8.05 9.65
C ASP A 93 19.81 9.07 8.93
N MET A 94 19.36 9.56 7.77
CA MET A 94 20.17 10.51 6.99
C MET A 94 20.40 11.80 7.77
N PHE A 95 19.40 12.27 8.49
CA PHE A 95 19.50 13.53 9.22
C PHE A 95 20.68 13.50 10.18
N ASP A 96 20.78 12.45 11.00
CA ASP A 96 21.90 12.38 11.93
C ASP A 96 23.21 12.12 11.22
N ALA A 97 23.18 11.35 10.12
CA ALA A 97 24.39 11.11 9.33
C ALA A 97 24.93 12.40 8.73
N VAL A 98 24.07 13.27 8.22
CA VAL A 98 24.58 14.51 7.66
C VAL A 98 25.06 15.45 8.75
N LYS A 99 24.28 15.57 9.83
CA LYS A 99 24.66 16.41 10.96
C LYS A 99 26.05 16.05 11.48
N THR A 100 26.37 14.74 11.56
CA THR A 100 27.67 14.35 12.08
C THR A 100 28.75 14.30 11.03
N GLY A 101 28.41 14.34 9.75
CA GLY A 101 29.38 14.31 8.68
C GLY A 101 29.65 12.96 8.07
N VAL A 102 29.00 11.88 8.56
CA VAL A 102 29.12 10.60 7.86
C VAL A 102 28.73 10.74 6.40
N LEU A 103 27.67 11.50 6.15
CA LEU A 103 27.29 11.98 4.84
C LEU A 103 27.60 13.46 4.75
N ASP A 104 27.98 13.92 3.57
CA ASP A 104 28.10 15.35 3.36
C ASP A 104 26.75 16.01 3.11
N GLY A 105 25.78 15.29 2.55
CA GLY A 105 24.50 15.92 2.24
C GLY A 105 23.43 14.87 2.05
N MET A 106 22.18 15.35 1.95
CA MET A 106 21.08 14.45 1.66
C MET A 106 20.07 15.09 0.70
N ASN A 107 19.31 14.21 0.05
CA ASN A 107 18.19 14.57 -0.83
C ASN A 107 16.94 13.87 -0.30
N PRO A 108 16.42 14.30 0.88
CA PRO A 108 15.27 13.62 1.50
C PRO A 108 13.93 14.23 1.11
N PHE A 109 12.83 13.62 1.58
CA PHE A 109 11.55 14.31 1.67
C PHE A 109 11.54 15.06 2.99
N THR A 110 11.33 16.38 2.91
CA THR A 110 11.78 17.22 4.02
C THR A 110 11.01 16.93 5.30
N LEU A 111 9.74 16.52 5.17
CA LEU A 111 8.87 16.34 6.33
C LEU A 111 9.19 15.06 7.08
N TYR A 112 10.15 14.27 6.61
CA TYR A 112 10.61 13.14 7.40
C TYR A 112 11.17 13.60 8.75
N TRP A 113 11.59 14.86 8.89
CA TRP A 113 12.18 15.34 10.13
C TRP A 113 11.14 15.94 11.07
N ALA A 114 9.85 15.68 10.81
CA ALA A 114 8.79 16.37 11.54
C ALA A 114 8.85 16.12 13.05
N GLY A 115 9.26 14.92 13.46
CA GLY A 115 9.34 14.57 14.86
C GLY A 115 10.38 15.33 15.65
N ARG A 116 11.47 15.76 15.02
CA ARG A 116 12.53 16.49 15.69
C ARG A 116 12.64 17.94 15.25
N MET A 117 12.01 18.33 14.15
CA MET A 117 11.98 19.74 13.72
C MET A 117 10.58 20.07 13.23
N PRO A 118 9.71 20.56 14.11
CA PRO A 118 8.32 20.77 13.68
C PRO A 118 8.19 21.64 12.43
N VAL A 119 9.13 22.55 12.19
CA VAL A 119 8.96 23.44 11.04
C VAL A 119 8.92 22.61 9.78
N THR A 120 9.58 21.45 9.76
CA THR A 120 9.66 20.71 8.49
C THR A 120 8.33 20.10 8.06
N ALA A 121 7.37 19.92 8.99
CA ALA A 121 6.02 19.57 8.56
C ALA A 121 5.40 20.67 7.71
N PHE A 122 5.93 21.90 7.81
CA PHE A 122 5.45 23.01 7.03
C PHE A 122 6.35 23.34 5.84
N LEU A 123 7.42 22.59 5.61
CA LEU A 123 8.24 22.78 4.42
C LEU A 123 7.92 21.78 3.30
N SER A 124 6.80 21.08 3.40
CA SER A 124 6.24 20.23 2.38
C SER A 124 4.73 20.23 2.60
N SER A 125 3.95 19.87 1.56
CA SER A 125 2.52 20.06 1.69
C SER A 125 1.96 19.25 2.88
N TYR A 126 0.86 19.74 3.40
CA TYR A 126 0.06 19.13 4.44
C TYR A 126 -1.38 19.22 3.98
N ALA A 127 -2.24 18.46 4.63
CA ALA A 127 -3.53 18.13 4.03
C ALA A 127 -4.42 19.37 3.86
N LEU A 128 -4.88 19.58 2.65
CA LEU A 128 -5.91 20.54 2.30
C LEU A 128 -5.44 21.97 2.45
N GLY A 129 -4.13 22.18 2.43
CA GLY A 129 -3.55 23.50 2.37
C GLY A 129 -3.20 23.89 0.95
N LEU A 130 -2.16 24.72 0.81
CA LEU A 130 -1.64 25.07 -0.51
C LEU A 130 -1.30 23.80 -1.30
N ASP A 131 -1.79 23.71 -2.55
CA ASP A 131 -1.83 22.44 -3.26
C ASP A 131 -1.36 22.53 -4.70
N ARG A 132 -0.66 23.58 -5.07
CA ARG A 132 -0.07 23.66 -6.38
C ARG A 132 1.42 23.92 -6.25
N PRO A 133 2.23 23.32 -7.15
CA PRO A 133 3.68 23.58 -7.12
C PRO A 133 4.01 25.07 -7.14
N ASP A 134 3.29 25.86 -7.93
CA ASP A 134 3.63 27.27 -8.06
C ASP A 134 3.40 28.02 -6.77
N GLN A 135 2.45 27.55 -5.95
CA GLN A 135 2.19 28.24 -4.68
C GLN A 135 3.34 28.05 -3.68
N TRP A 136 3.88 26.82 -3.61
CA TRP A 136 5.01 26.52 -2.74
C TRP A 136 6.28 27.20 -3.22
N GLU A 137 6.46 27.30 -4.53
CA GLU A 137 7.53 28.10 -5.08
C GLU A 137 7.40 29.57 -4.64
N THR A 138 6.19 30.10 -4.71
CA THR A 138 6.00 31.48 -4.30
C THR A 138 6.29 31.64 -2.82
N TRP A 139 5.73 30.75 -1.99
CA TRP A 139 5.93 30.87 -0.55
C TRP A 139 7.41 30.80 -0.21
N PHE A 140 8.16 29.86 -0.85
CA PHE A 140 9.59 29.72 -0.54
C PHE A 140 10.38 30.95 -1.02
N TYR A 141 10.15 31.38 -2.26
CA TYR A 141 11.11 32.28 -2.90
C TYR A 141 10.70 33.73 -2.85
N SER A 142 9.49 34.06 -2.41
CA SER A 142 9.21 35.47 -2.23
C SER A 142 8.52 35.83 -0.92
N LEU A 143 7.87 34.89 -0.22
CA LEU A 143 7.10 35.20 0.98
C LEU A 143 7.82 34.88 2.30
N GLY A 144 9.12 34.53 2.24
CA GLY A 144 9.93 34.33 3.42
C GLY A 144 10.31 32.89 3.71
N GLY A 145 9.77 31.92 2.96
CA GLY A 145 9.94 30.53 3.32
C GLY A 145 11.38 30.05 3.34
N LEU A 146 12.14 30.36 2.30
CA LEU A 146 13.51 29.84 2.22
C LEU A 146 14.34 30.24 3.45
N ASP A 147 14.30 31.53 3.83
CA ASP A 147 15.13 31.94 4.95
C ASP A 147 14.61 31.37 6.28
N ASN A 148 13.28 31.20 6.40
CA ASN A 148 12.67 30.50 7.54
C ASN A 148 13.25 29.09 7.68
N ALA A 149 13.35 28.37 6.56
CA ALA A 149 13.92 27.04 6.56
C ALA A 149 15.40 27.09 6.89
N ARG A 150 16.13 28.07 6.38
CA ARG A 150 17.57 28.07 6.59
C ARG A 150 17.95 28.37 8.04
N ARG A 151 17.22 29.29 8.68
CA ARG A 151 17.50 29.59 10.07
C ARG A 151 17.19 28.38 10.95
N ALA A 152 16.09 27.68 10.67
CA ALA A 152 15.78 26.50 11.48
C ALA A 152 16.84 25.41 11.29
N PHE A 153 17.29 25.17 10.06
CA PHE A 153 18.28 24.12 9.88
C PHE A 153 19.68 24.51 10.38
N ALA A 154 20.05 25.79 10.31
CA ALA A 154 21.35 26.20 10.82
C ALA A 154 21.47 25.89 12.31
N GLU A 155 20.38 25.99 13.08
CA GLU A 155 20.44 25.61 14.47
C GLU A 155 20.77 24.14 14.66
N GLN A 156 20.61 23.31 13.63
CA GLN A 156 20.91 21.89 13.71
C GLN A 156 22.25 21.56 13.09
N GLY A 157 23.03 22.54 12.67
CA GLY A 157 24.28 22.22 11.99
C GLY A 157 24.10 21.82 10.54
N LEU A 158 23.03 22.24 9.91
CA LEU A 158 22.72 21.86 8.55
C LEU A 158 22.43 23.11 7.71
N PHE A 159 22.81 23.07 6.44
CA PHE A 159 22.48 24.12 5.48
C PHE A 159 21.40 23.60 4.52
N TYR A 160 20.19 24.17 4.61
CA TYR A 160 19.07 23.86 3.71
C TYR A 160 19.28 24.66 2.42
N VAL A 161 19.58 23.97 1.31
CA VAL A 161 19.89 24.68 0.08
C VAL A 161 18.62 25.24 -0.54
N GLY A 162 17.64 24.38 -0.81
CA GLY A 162 16.38 24.79 -1.37
C GLY A 162 15.49 23.58 -1.57
N PRO A 163 14.22 23.83 -1.85
CA PRO A 163 13.29 22.72 -2.09
C PRO A 163 13.44 22.16 -3.49
N VAL A 164 13.01 20.90 -3.63
CA VAL A 164 13.00 20.17 -4.88
C VAL A 164 11.57 19.75 -5.18
N GLN A 165 10.98 20.34 -6.23
CA GLN A 165 9.61 20.01 -6.63
C GLN A 165 9.54 18.56 -7.15
N HIS A 166 8.33 17.98 -7.12
CA HIS A 166 8.22 16.51 -7.23
C HIS A 166 6.85 16.12 -7.76
N ASP A 167 5.81 16.12 -6.93
CA ASP A 167 4.60 15.44 -7.37
C ASP A 167 3.54 15.52 -6.29
N LEU A 168 2.32 15.21 -6.67
CA LEU A 168 1.36 14.80 -5.66
C LEU A 168 1.60 13.32 -5.30
N ASN A 169 0.81 12.81 -4.38
CA ASN A 169 0.90 11.43 -3.94
C ASN A 169 -0.46 10.77 -4.07
N THR A 170 -0.44 9.46 -4.28
CA THR A 170 -1.62 8.60 -4.32
C THR A 170 -1.62 7.62 -3.15
N ILE A 171 -2.80 7.09 -2.86
CA ILE A 171 -3.01 6.05 -1.85
C ILE A 171 -3.33 4.74 -2.57
N HIS A 172 -2.59 3.69 -2.24
CA HIS A 172 -2.73 2.36 -2.84
C HIS A 172 -3.29 1.48 -1.75
N SER A 173 -4.48 0.91 -1.98
CA SER A 173 -5.18 0.18 -0.93
C SER A 173 -5.64 -1.20 -1.38
N ARG A 174 -5.69 -2.11 -0.43
CA ARG A 174 -6.30 -3.42 -0.60
C ARG A 174 -7.76 -3.46 -0.16
N LYS A 175 -8.20 -2.47 0.57
CA LYS A 175 -9.58 -2.21 0.91
C LYS A 175 -10.19 -1.18 -0.05
N PRO A 176 -11.33 -1.46 -0.69
CA PRO A 176 -12.02 -0.40 -1.46
C PRO A 176 -12.58 0.67 -0.53
N ILE A 177 -11.87 1.78 -0.41
CA ILE A 177 -12.26 2.91 0.45
C ILE A 177 -13.02 3.89 -0.42
N ARG A 178 -14.34 3.93 -0.26
CA ARG A 178 -15.21 4.70 -1.17
C ARG A 178 -15.82 5.94 -0.52
N ARG A 179 -15.62 6.12 0.77
CA ARG A 179 -16.10 7.30 1.48
C ARG A 179 -15.26 7.45 2.73
N PHE A 180 -15.39 8.62 3.38
CA PHE A 180 -14.62 8.98 4.55
C PHE A 180 -14.69 7.90 5.64
N GLU A 181 -15.89 7.38 5.91
CA GLU A 181 -16.09 6.45 7.00
C GLU A 181 -15.36 5.12 6.76
N ASP A 182 -15.04 4.80 5.50
CA ASP A 182 -14.31 3.58 5.21
C ASP A 182 -12.85 3.64 5.67
N PHE A 183 -12.32 4.82 6.06
CA PHE A 183 -10.95 4.87 6.56
C PHE A 183 -10.80 4.25 7.94
N LYS A 184 -11.88 4.13 8.71
CA LYS A 184 -11.79 3.63 10.07
C LYS A 184 -11.36 2.16 10.06
N GLY A 185 -10.35 1.84 10.87
CA GLY A 185 -9.76 0.52 10.94
C GLY A 185 -8.79 0.17 9.83
N VAL A 186 -8.61 1.03 8.83
CA VAL A 186 -7.60 0.77 7.81
C VAL A 186 -6.21 0.86 8.44
N LYS A 187 -5.31 -0.01 8.01
CA LYS A 187 -3.91 0.01 8.44
C LYS A 187 -3.11 0.70 7.35
N LEU A 188 -2.68 1.93 7.59
CA LEU A 188 -2.15 2.80 6.54
C LEU A 188 -0.71 3.22 6.79
N ARG A 189 0.17 2.92 5.82
CA ARG A 189 1.51 3.47 5.85
C ARG A 189 1.48 4.91 5.34
N VAL A 190 2.14 5.81 6.06
CA VAL A 190 2.23 7.22 5.68
C VAL A 190 3.53 7.73 6.27
N PRO A 191 3.95 8.95 5.92
CA PRO A 191 5.26 9.44 6.40
C PRO A 191 5.20 10.25 7.69
N GLY A 192 4.34 9.87 8.62
CA GLY A 192 4.42 10.51 9.93
C GLY A 192 3.86 11.93 9.93
N GLY A 193 4.27 12.66 10.97
CA GLY A 193 3.95 14.06 11.11
C GLY A 193 2.48 14.37 11.06
N MET A 194 2.17 15.47 10.37
CA MET A 194 0.80 15.89 10.19
C MET A 194 0.05 14.97 9.25
N ILE A 195 0.75 14.35 8.31
CA ILE A 195 0.08 13.46 7.37
C ILE A 195 -0.55 12.29 8.14
N ALA A 196 0.23 11.62 8.98
CA ALA A 196 -0.31 10.52 9.76
C ALA A 196 -1.42 10.98 10.71
N GLU A 197 -1.27 12.16 11.30
CA GLU A 197 -2.23 12.60 12.31
C GLU A 197 -3.61 12.79 11.70
N VAL A 198 -3.66 13.30 10.48
CA VAL A 198 -4.94 13.50 9.81
C VAL A 198 -5.64 12.17 9.58
N PHE A 199 -4.89 11.13 9.17
CA PHE A 199 -5.58 9.87 8.91
C PHE A 199 -5.91 9.14 10.20
N ALA A 200 -5.08 9.33 11.23
CA ALA A 200 -5.38 8.76 12.54
C ALA A 200 -6.67 9.35 13.10
N ALA A 201 -6.88 10.66 12.88
CA ALA A 201 -8.09 11.32 13.34
C ALA A 201 -9.31 10.85 12.56
N ALA A 202 -9.14 10.29 11.39
CA ALA A 202 -10.24 9.70 10.65
C ALA A 202 -10.40 8.22 10.96
N GLY A 203 -9.71 7.71 11.98
CA GLY A 203 -9.88 6.34 12.43
C GLY A 203 -8.88 5.32 11.91
N ALA A 204 -7.90 5.73 11.11
CA ALA A 204 -6.95 4.74 10.61
C ALA A 204 -5.86 4.49 11.64
N SER A 205 -5.31 3.29 11.60
CA SER A 205 -4.06 2.96 12.27
C SER A 205 -2.92 3.24 11.32
N THR A 206 -1.93 4.01 11.77
CA THR A 206 -0.86 4.45 10.88
C THR A 206 0.45 3.78 11.28
N VAL A 207 1.29 3.54 10.29
CA VAL A 207 2.65 3.07 10.50
C VAL A 207 3.59 3.89 9.63
N LEU A 208 4.86 3.96 10.05
CA LEU A 208 5.91 4.69 9.34
C LEU A 208 6.89 3.66 8.80
N LEU A 209 7.07 3.65 7.50
CA LEU A 209 8.02 2.76 6.84
C LEU A 209 8.65 3.53 5.69
N PRO A 210 9.90 3.26 5.35
CA PRO A 210 10.46 3.77 4.10
C PRO A 210 9.79 3.15 2.88
N GLY A 211 9.77 3.91 1.77
CA GLY A 211 9.05 3.45 0.59
C GLY A 211 9.51 2.09 0.10
N GLY A 212 10.79 1.80 0.24
CA GLY A 212 11.30 0.54 -0.28
C GLY A 212 10.88 -0.66 0.52
N GLU A 213 10.24 -0.45 1.67
CA GLU A 213 9.71 -1.51 2.50
C GLU A 213 8.19 -1.57 2.41
N VAL A 214 7.56 -0.75 1.59
CA VAL A 214 6.10 -0.74 1.56
C VAL A 214 5.55 -1.99 0.89
N TYR A 215 6.16 -2.43 -0.21
CA TYR A 215 5.64 -3.61 -0.93
C TYR A 215 5.48 -4.83 -0.03
N PRO A 216 6.52 -5.32 0.67
CA PRO A 216 6.31 -6.50 1.52
C PRO A 216 5.35 -6.23 2.65
N ALA A 217 5.27 -4.98 3.12
CA ALA A 217 4.31 -4.68 4.17
C ALA A 217 2.87 -4.81 3.68
N LEU A 218 2.58 -4.28 2.48
CA LEU A 218 1.23 -4.40 1.94
C LEU A 218 0.86 -5.85 1.73
N GLU A 219 1.85 -6.68 1.36
CA GLU A 219 1.61 -8.10 1.14
C GLU A 219 1.26 -8.85 2.42
N ARG A 220 1.60 -8.30 3.58
CA ARG A 220 1.40 -8.99 4.85
C ARG A 220 0.44 -8.23 5.77
N GLY A 221 -0.43 -7.40 5.20
CA GLY A 221 -1.45 -6.71 5.97
C GLY A 221 -1.02 -5.38 6.55
N VAL A 222 0.16 -4.91 6.14
CA VAL A 222 0.86 -3.74 6.67
C VAL A 222 1.29 -3.94 8.13
N ILE A 223 0.39 -4.33 9.03
CA ILE A 223 0.79 -4.52 10.43
C ILE A 223 -0.29 -5.30 11.15
N ASP A 224 0.09 -5.94 12.25
CA ASP A 224 -0.84 -6.50 13.23
C ASP A 224 -1.54 -7.80 12.81
N TRP A 225 -2.22 -7.81 11.68
CA TRP A 225 -2.87 -9.02 11.22
C TRP A 225 -2.95 -9.04 9.71
N SER A 226 -3.05 -10.25 9.16
CA SER A 226 -3.31 -10.43 7.73
C SER A 226 -4.16 -11.66 7.46
N HIS A 227 -4.45 -11.92 6.18
CA HIS A 227 -5.15 -13.13 5.74
C HIS A 227 -4.21 -14.14 5.03
N ASN A 228 -2.92 -13.98 5.21
CA ASN A 228 -1.96 -14.92 4.65
C ASN A 228 -2.06 -16.29 5.32
N VAL A 229 -1.92 -17.31 4.50
CA VAL A 229 -2.03 -18.72 4.88
C VAL A 229 -0.63 -19.29 4.84
N TYR A 230 -0.06 -19.53 6.03
CA TYR A 230 1.23 -20.18 6.13
C TYR A 230 1.04 -21.67 5.89
N ILE A 231 1.75 -22.20 4.88
CA ILE A 231 1.67 -23.59 4.46
C ILE A 231 2.80 -24.38 5.13
N MET A 232 2.44 -25.48 5.80
CA MET A 232 3.41 -26.29 6.52
C MET A 232 3.28 -27.75 6.06
N ALA A 233 4.42 -28.42 5.90
CA ALA A 233 4.39 -29.83 5.57
C ALA A 233 3.74 -30.65 6.68
N ASP A 234 2.97 -31.66 6.29
CA ASP A 234 2.38 -32.64 7.19
C ASP A 234 2.86 -34.02 6.72
N LYS A 235 4.02 -34.44 7.23
CA LYS A 235 4.65 -35.67 6.76
C LYS A 235 3.74 -36.90 6.93
N GLN A 236 3.08 -37.04 8.08
CA GLN A 236 2.36 -38.28 8.39
C GLN A 236 1.11 -38.46 7.53
N ARG A 237 0.57 -37.38 6.96
CA ARG A 237 -0.50 -37.48 5.98
C ARG A 237 0.00 -37.21 4.56
N ASN A 238 1.32 -37.10 4.40
CA ASN A 238 1.92 -36.88 3.08
C ASN A 238 1.28 -35.69 2.36
N GLY A 239 0.85 -34.68 3.13
CA GLY A 239 0.24 -33.49 2.56
C GLY A 239 0.72 -32.22 3.23
N ILE A 240 -0.22 -31.29 3.48
CA ILE A 240 0.10 -30.01 4.09
C ILE A 240 -1.01 -29.68 5.08
N LYS A 241 -0.75 -28.70 5.93
CA LYS A 241 -1.72 -28.21 6.91
C LYS A 241 -1.54 -26.70 7.04
N ALA A 242 -2.59 -26.02 7.52
CA ALA A 242 -2.50 -24.59 7.73
C ALA A 242 -3.54 -24.17 8.77
N ASN A 243 -3.22 -23.13 9.53
CA ASN A 243 -4.14 -22.55 10.50
C ASN A 243 -4.03 -21.05 10.34
N PHE A 244 -5.17 -20.39 10.16
CA PHE A 244 -5.20 -18.95 9.94
C PHE A 244 -6.55 -18.40 10.37
N GLU A 245 -6.65 -17.08 10.34
CA GLU A 245 -7.80 -16.38 10.90
C GLU A 245 -8.29 -15.36 9.88
N ILE A 246 -9.56 -15.45 9.53
CA ILE A 246 -10.17 -14.48 8.64
C ILE A 246 -10.97 -13.50 9.47
N ARG A 247 -10.91 -12.23 9.09
CA ARG A 247 -11.70 -11.19 9.76
C ARG A 247 -12.75 -10.65 8.79
N HIS A 248 -14.03 -10.87 9.11
CA HIS A 248 -15.14 -10.42 8.29
C HIS A 248 -15.71 -9.13 8.88
N ASN A 249 -15.74 -8.06 8.10
CA ASN A 249 -16.30 -6.82 8.63
C ASN A 249 -17.81 -6.97 8.85
N ILE A 250 -18.29 -6.49 10.00
CA ILE A 250 -19.72 -6.38 10.26
C ILE A 250 -20.21 -5.08 9.65
N GLU A 251 -21.34 -5.14 8.96
CA GLU A 251 -21.80 -4.04 8.12
C GLU A 251 -21.92 -2.74 8.90
N ASP A 252 -22.37 -2.78 10.14
CA ASP A 252 -22.47 -1.59 10.97
C ASP A 252 -21.27 -1.41 11.91
N GLY A 253 -20.10 -2.00 11.59
CA GLY A 253 -18.99 -2.17 12.53
C GLY A 253 -19.32 -3.25 13.54
N GLY A 254 -18.35 -4.01 14.07
CA GLY A 254 -16.95 -3.98 13.69
C GLY A 254 -16.52 -5.27 13.00
N VAL A 255 -16.10 -6.33 13.71
CA VAL A 255 -15.47 -7.47 13.05
C VAL A 255 -15.92 -8.82 13.57
N GLN A 256 -16.09 -9.77 12.67
CA GLN A 256 -16.44 -11.16 12.99
C GLN A 256 -15.29 -12.07 12.61
N LEU A 257 -14.74 -12.74 13.59
CA LEU A 257 -13.57 -13.56 13.41
C LEU A 257 -13.99 -14.95 12.98
N ALA A 258 -13.19 -15.55 12.11
CA ALA A 258 -13.46 -16.88 11.57
C ALA A 258 -12.14 -17.65 11.59
N TYR A 259 -11.96 -18.48 12.61
CA TYR A 259 -10.69 -19.18 12.71
C TYR A 259 -10.69 -20.45 11.87
N HIS A 260 -9.70 -20.58 11.00
CA HIS A 260 -9.64 -21.66 10.03
C HIS A 260 -8.60 -22.69 10.43
N TYR A 261 -8.97 -23.97 10.43
CA TYR A 261 -8.00 -25.06 10.48
C TYR A 261 -8.11 -25.94 9.24
N GLN A 262 -6.97 -26.27 8.64
CA GLN A 262 -6.97 -26.84 7.31
C GLN A 262 -5.95 -27.96 7.24
N GLN A 263 -6.34 -29.06 6.57
CA GLN A 263 -5.41 -30.13 6.24
C GLN A 263 -5.69 -30.64 4.83
N ASN A 264 -4.63 -30.97 4.10
CA ASN A 264 -4.75 -31.45 2.73
C ASN A 264 -3.93 -32.72 2.57
N THR A 265 -4.48 -33.67 1.82
CA THR A 265 -3.85 -34.96 1.65
C THR A 265 -4.14 -35.46 0.25
N PRO A 266 -3.15 -36.04 -0.41
CA PRO A 266 -3.35 -36.45 -1.80
C PRO A 266 -4.37 -37.56 -1.89
N ILE A 267 -5.08 -37.58 -3.01
CA ILE A 267 -6.11 -38.58 -3.26
C ILE A 267 -5.49 -39.89 -3.73
N GLY A 268 -4.50 -39.78 -4.61
CA GLY A 268 -3.82 -40.91 -5.15
C GLY A 268 -2.54 -41.22 -4.41
N ASP A 269 -1.61 -41.87 -5.12
CA ASP A 269 -0.39 -42.40 -4.54
C ASP A 269 0.84 -41.98 -5.30
N GLY A 270 0.71 -41.14 -6.32
CA GLY A 270 1.87 -40.58 -6.96
C GLY A 270 2.68 -39.76 -5.96
N PRO A 271 3.93 -39.47 -6.29
CA PRO A 271 4.75 -38.64 -5.39
C PRO A 271 4.31 -37.19 -5.44
N VAL A 272 4.31 -36.56 -4.27
CA VAL A 272 3.95 -35.15 -4.13
C VAL A 272 5.15 -34.39 -3.57
N LEU A 273 5.08 -33.07 -3.70
CA LEU A 273 6.08 -32.17 -3.13
C LEU A 273 5.63 -31.77 -1.72
N LEU A 274 6.50 -31.97 -0.73
CA LEU A 274 6.22 -31.51 0.62
C LEU A 274 7.01 -30.24 0.84
N PRO A 275 6.38 -29.12 1.14
CA PRO A 275 7.07 -27.83 1.09
C PRO A 275 7.79 -27.46 2.37
N ASP A 276 8.82 -26.66 2.21
CA ASP A 276 9.28 -25.82 3.32
C ASP A 276 8.26 -24.73 3.61
N ASN A 277 8.37 -24.13 4.79
CA ASN A 277 7.44 -23.08 5.23
C ASN A 277 7.39 -21.94 4.21
N HIS A 278 6.19 -21.45 3.94
CA HIS A 278 5.97 -20.35 3.01
C HIS A 278 4.52 -19.94 3.23
N TYR A 279 4.09 -18.89 2.52
CA TYR A 279 2.70 -18.46 2.66
C TYR A 279 2.11 -18.12 1.29
N LEU A 280 0.79 -18.21 1.23
CA LEU A 280 0.03 -17.70 0.11
C LEU A 280 -0.66 -16.40 0.54
N SER A 281 -0.58 -15.38 -0.31
CA SER A 281 -1.25 -14.12 -0.09
C SER A 281 -2.24 -13.90 -1.23
N THR A 282 -3.51 -13.69 -0.89
CA THR A 282 -4.59 -13.61 -1.87
C THR A 282 -5.28 -12.26 -1.77
N GLN A 283 -5.45 -11.60 -2.92
CA GLN A 283 -6.32 -10.42 -3.02
C GLN A 283 -7.61 -10.81 -3.72
N THR A 284 -8.75 -10.49 -3.10
CA THR A 284 -10.06 -10.93 -3.56
C THR A 284 -10.93 -9.71 -3.83
N LYS A 285 -11.62 -9.70 -4.96
CA LYS A 285 -12.62 -8.68 -5.26
C LYS A 285 -13.97 -9.36 -5.45
N LEU A 286 -14.98 -8.91 -4.71
CA LEU A 286 -16.33 -9.45 -4.79
C LEU A 286 -17.28 -8.42 -5.40
N SER A 287 -18.07 -8.86 -6.38
CA SER A 287 -18.98 -7.98 -7.09
C SER A 287 -20.27 -8.73 -7.42
N LYS A 288 -21.17 -8.02 -8.13
CA LYS A 288 -22.41 -8.58 -8.63
C LYS A 288 -22.51 -8.43 -10.14
N ASP A 289 -23.19 -9.39 -10.77
CA ASP A 289 -23.50 -9.35 -12.20
C ASP A 289 -24.84 -8.64 -12.34
N PRO A 290 -24.90 -7.45 -12.97
CA PRO A 290 -26.16 -6.68 -12.96
C PRO A 290 -27.28 -7.32 -13.78
N ASN A 291 -26.99 -8.32 -14.59
CA ASN A 291 -28.01 -9.02 -15.37
C ASN A 291 -28.38 -10.39 -14.80
N GLU A 292 -27.93 -10.71 -13.59
CA GLU A 292 -28.22 -11.97 -12.93
C GLU A 292 -29.20 -11.75 -11.78
N LYS A 293 -30.28 -12.54 -11.74
CA LYS A 293 -31.35 -12.36 -10.76
C LYS A 293 -31.31 -13.38 -9.64
N ARG A 294 -30.60 -14.49 -9.81
CA ARG A 294 -30.39 -15.38 -8.67
C ARG A 294 -29.35 -14.79 -7.70
N ASP A 295 -29.45 -15.21 -6.45
CA ASP A 295 -28.43 -14.91 -5.46
C ASP A 295 -27.10 -15.45 -5.96
N HIS A 296 -26.11 -14.55 -6.08
CA HIS A 296 -24.84 -14.92 -6.70
C HIS A 296 -23.67 -14.10 -6.17
N MET A 297 -22.47 -14.51 -6.58
CA MET A 297 -21.24 -13.80 -6.25
C MET A 297 -20.27 -13.91 -7.42
N VAL A 298 -19.86 -12.75 -7.94
CA VAL A 298 -18.78 -12.68 -8.92
C VAL A 298 -17.48 -12.45 -8.17
N LEU A 299 -16.46 -13.24 -8.46
CA LEU A 299 -15.24 -13.25 -7.66
C LEU A 299 -14.02 -13.20 -8.56
N LEU A 300 -13.07 -12.36 -8.20
CA LEU A 300 -11.81 -12.19 -8.90
C LEU A 300 -10.72 -12.25 -7.85
N GLU A 301 -9.71 -13.07 -8.08
CA GLU A 301 -8.65 -13.23 -7.09
C GLU A 301 -7.29 -13.23 -7.75
N PHE A 302 -6.32 -12.73 -7.01
CA PHE A 302 -4.90 -12.78 -7.36
C PHE A 302 -4.16 -13.45 -6.21
N VAL A 303 -3.44 -14.52 -6.52
CA VAL A 303 -2.85 -15.38 -5.50
C VAL A 303 -1.37 -15.52 -5.82
N THR A 304 -0.53 -15.26 -4.82
CA THR A 304 0.93 -15.38 -4.94
C THR A 304 1.48 -16.16 -3.76
N ALA A 305 2.40 -17.07 -4.04
CA ALA A 305 3.15 -17.71 -2.99
C ALA A 305 4.40 -16.86 -2.72
N ALA A 306 4.77 -16.72 -1.44
CA ALA A 306 5.95 -15.97 -1.08
C ALA A 306 6.52 -16.50 0.23
N GLY A 307 7.50 -15.77 0.78
CA GLY A 307 8.06 -16.06 2.08
C GLY A 307 9.31 -16.92 2.09
N ILE A 308 9.91 -17.16 0.94
CA ILE A 308 11.21 -17.83 0.85
C ILE A 308 12.18 -16.89 0.13
N THR A 309 13.34 -16.68 0.74
CA THR A 309 14.30 -15.73 0.22
C THR A 309 15.04 -16.32 -0.98
N LEU A 310 15.15 -15.53 -2.03
CA LEU A 310 15.83 -15.98 -3.24
C LEU A 310 17.30 -16.30 -2.94
N GLY A 311 17.77 -17.44 -3.42
CA GLY A 311 19.18 -17.73 -3.46
C GLY A 311 19.78 -18.41 -2.26
N MET A 312 18.95 -18.91 -1.33
CA MET A 312 19.47 -19.59 -0.17
C MET A 312 19.83 -21.04 -0.52
N ASP A 313 20.84 -21.54 0.18
CA ASP A 313 21.30 -22.91 -0.01
C ASP A 313 20.52 -23.78 0.93
N LYS A 327 5.43 -33.06 -12.10
CA LYS A 327 4.70 -33.32 -13.34
C LYS A 327 3.38 -32.56 -13.50
N GLY A 328 2.53 -32.59 -12.47
CA GLY A 328 1.24 -31.92 -12.50
C GLY A 328 1.32 -30.42 -12.74
N GLU A 329 2.49 -29.82 -12.53
CA GLU A 329 2.67 -28.40 -12.77
C GLU A 329 2.48 -28.05 -14.24
N GLU A 330 2.77 -28.98 -15.15
CA GLU A 330 2.52 -28.75 -16.57
C GLU A 330 1.03 -28.55 -16.87
N LEU A 331 0.14 -29.10 -16.06
CA LEU A 331 -1.26 -28.97 -16.39
C LEU A 331 -1.76 -27.54 -16.23
N PHE A 332 -0.98 -26.67 -15.60
CA PHE A 332 -1.43 -25.32 -15.29
C PHE A 332 -0.69 -24.23 -16.06
N THR A 333 -0.04 -24.57 -17.19
CA THR A 333 0.77 -23.58 -17.89
C THR A 333 -0.08 -22.59 -18.66
N GLY A 334 -1.35 -22.89 -18.89
CA GLY A 334 -2.23 -21.93 -19.53
C GLY A 334 -3.50 -21.74 -18.73
N VAL A 335 -4.54 -21.15 -19.34
CA VAL A 335 -5.81 -20.95 -18.65
C VAL A 335 -6.55 -22.27 -18.56
N VAL A 336 -7.08 -22.58 -17.37
CA VAL A 336 -7.73 -23.85 -17.08
C VAL A 336 -9.17 -23.59 -16.67
N PRO A 337 -10.13 -24.30 -17.24
CA PRO A 337 -11.52 -24.09 -16.81
C PRO A 337 -11.72 -24.65 -15.41
N ILE A 338 -12.65 -24.04 -14.68
CA ILE A 338 -12.91 -24.42 -13.30
C ILE A 338 -14.41 -24.64 -13.10
N LEU A 339 -14.74 -25.65 -12.29
CA LEU A 339 -16.10 -25.88 -11.84
C LEU A 339 -16.07 -26.09 -10.34
N VAL A 340 -16.98 -25.44 -9.62
CA VAL A 340 -17.09 -25.64 -8.19
C VAL A 340 -18.51 -26.10 -7.90
N GLU A 341 -18.66 -27.11 -7.02
CA GLU A 341 -19.98 -27.49 -6.55
C GLU A 341 -19.92 -27.68 -5.04
N LEU A 342 -20.85 -27.05 -4.34
CA LEU A 342 -20.89 -27.07 -2.89
C LEU A 342 -22.30 -27.45 -2.46
N ASP A 343 -22.41 -28.43 -1.55
CA ASP A 343 -23.69 -28.82 -0.97
C ASP A 343 -23.59 -28.56 0.53
N GLY A 344 -24.53 -27.77 1.05
CA GLY A 344 -24.37 -27.19 2.36
C GLY A 344 -25.60 -27.36 3.23
N ASP A 345 -25.37 -27.25 4.53
CA ASP A 345 -26.39 -27.51 5.55
C ASP A 345 -25.91 -26.81 6.81
N VAL A 346 -26.55 -25.69 7.13
CA VAL A 346 -26.18 -24.87 8.28
C VAL A 346 -27.42 -24.77 9.17
N ASN A 347 -27.32 -25.35 10.37
CA ASN A 347 -28.47 -25.40 11.28
C ASN A 347 -29.67 -26.00 10.55
N GLY A 348 -29.40 -27.00 9.72
CA GLY A 348 -30.47 -27.60 8.93
C GLY A 348 -30.98 -26.80 7.76
N HIS A 349 -30.49 -25.58 7.52
CA HIS A 349 -30.85 -24.84 6.31
C HIS A 349 -30.02 -25.39 5.15
N LYS A 350 -30.66 -26.06 4.20
CA LYS A 350 -29.98 -26.69 3.08
C LYS A 350 -29.78 -25.71 1.93
N PHE A 351 -28.66 -25.85 1.22
CA PHE A 351 -28.44 -25.05 0.02
C PHE A 351 -27.38 -25.69 -0.87
N SER A 352 -27.31 -25.20 -2.10
CA SER A 352 -26.35 -25.67 -3.07
C SER A 352 -25.81 -24.47 -3.83
N VAL A 353 -24.51 -24.51 -4.11
CA VAL A 353 -23.84 -23.46 -4.85
C VAL A 353 -23.07 -24.10 -5.98
N SER A 354 -23.21 -23.53 -7.17
CA SER A 354 -22.45 -23.93 -8.33
C SER A 354 -21.63 -22.75 -8.81
N GLY A 355 -20.40 -23.00 -9.21
CA GLY A 355 -19.55 -21.96 -9.72
C GLY A 355 -18.81 -22.44 -10.94
N GLU A 356 -18.46 -21.50 -11.80
CA GLU A 356 -17.70 -21.81 -13.00
C GLU A 356 -16.82 -20.61 -13.32
N GLY A 357 -15.71 -20.89 -13.99
CA GLY A 357 -14.89 -19.82 -14.49
C GLY A 357 -13.58 -20.40 -14.94
N GLU A 358 -12.47 -19.69 -14.70
CA GLU A 358 -11.17 -20.20 -15.10
C GLU A 358 -10.08 -19.63 -14.20
N GLY A 359 -8.92 -20.26 -14.26
CA GLY A 359 -7.78 -19.82 -13.50
C GLY A 359 -6.51 -19.91 -14.33
N ASP A 360 -5.58 -19.01 -14.02
CA ASP A 360 -4.33 -18.84 -14.74
C ASP A 360 -3.22 -18.77 -13.69
N ALA A 361 -2.61 -19.92 -13.41
CA ALA A 361 -1.60 -20.02 -12.34
C ALA A 361 -0.30 -19.32 -12.70
N THR A 362 -0.03 -19.07 -13.98
CA THR A 362 1.14 -18.30 -14.36
C THR A 362 1.03 -16.88 -13.84
N SER A 363 -0.17 -16.31 -13.84
CA SER A 363 -0.48 -15.01 -13.28
C SER A 363 -0.94 -15.07 -11.83
N GLY A 364 -1.46 -16.21 -11.37
CA GLY A 364 -2.18 -16.25 -10.11
C GLY A 364 -3.58 -15.69 -10.14
N LYS A 365 -4.22 -15.58 -11.29
CA LYS A 365 -5.51 -14.90 -11.41
C LYS A 365 -6.60 -15.94 -11.56
N LEU A 366 -7.65 -15.79 -10.77
CA LEU A 366 -8.86 -16.61 -10.85
C LEU A 366 -10.06 -15.72 -11.14
N THR A 367 -10.98 -16.21 -11.98
CA THR A 367 -12.21 -15.49 -12.32
C THR A 367 -13.34 -16.50 -12.22
N LEU A 368 -14.28 -16.25 -11.33
CA LEU A 368 -15.34 -17.23 -11.07
C LEU A 368 -16.66 -16.52 -10.80
N LYS A 369 -17.74 -17.19 -11.15
CA LYS A 369 -19.07 -16.74 -10.80
C LYS A 369 -19.81 -17.89 -10.11
N PHE A 370 -20.42 -17.58 -8.97
CA PHE A 370 -21.09 -18.55 -8.13
C PHE A 370 -22.56 -18.19 -8.06
N ILE A 371 -23.42 -19.22 -8.08
CA ILE A 371 -24.85 -19.05 -7.98
C ILE A 371 -25.38 -19.98 -6.90
N CYS A 372 -26.28 -19.47 -6.07
CA CYS A 372 -27.06 -20.32 -5.18
C CYS A 372 -28.26 -20.84 -5.95
N THR A 373 -28.27 -22.15 -6.25
CA THR A 373 -29.28 -22.69 -7.14
C THR A 373 -30.57 -23.08 -6.42
N THR A 374 -30.54 -23.14 -5.09
CA THR A 374 -31.66 -23.54 -4.27
C THR A 374 -32.42 -22.33 -3.76
N GLY A 375 -32.10 -21.14 -4.29
CA GLY A 375 -32.81 -19.94 -3.88
C GLY A 375 -31.93 -18.91 -3.19
N LYS A 376 -32.32 -18.50 -1.99
CA LYS A 376 -31.57 -17.53 -1.22
C LYS A 376 -30.49 -18.23 -0.41
N LEU A 377 -29.25 -17.72 -0.48
CA LEU A 377 -28.17 -18.26 0.33
C LEU A 377 -28.44 -17.93 1.80
N PRO A 378 -28.46 -18.92 2.69
CA PRO A 378 -28.79 -18.66 4.09
C PRO A 378 -27.62 -18.12 4.91
N VAL A 379 -26.43 -18.00 4.33
CA VAL A 379 -25.29 -17.43 5.02
C VAL A 379 -24.72 -16.34 4.13
N PRO A 380 -23.88 -15.48 4.67
CA PRO A 380 -23.30 -14.41 3.84
C PRO A 380 -22.29 -14.99 2.89
N TRP A 381 -22.32 -14.53 1.65
CA TRP A 381 -21.36 -15.01 0.68
C TRP A 381 -19.90 -14.90 1.13
N PRO A 382 -19.46 -13.83 1.81
CA PRO A 382 -18.04 -13.77 2.19
C PRO A 382 -17.61 -14.92 3.09
N THR A 383 -18.55 -15.54 3.84
CA THR A 383 -18.17 -16.66 4.71
C THR A 383 -17.87 -17.93 3.95
N LEU A 384 -18.15 -17.97 2.63
CA LEU A 384 -17.88 -19.13 1.78
C LEU A 384 -16.66 -18.96 0.89
N VAL A 385 -16.08 -17.78 0.83
CA VAL A 385 -14.96 -17.55 -0.11
C VAL A 385 -13.83 -18.56 0.14
N THR A 386 -13.43 -18.75 1.40
CA THR A 386 -12.30 -19.67 1.60
C THR A 386 -12.68 -21.09 1.22
N THR A 387 -13.95 -21.47 1.37
CA THR A 387 -14.34 -22.84 1.02
C THR A 387 -14.39 -23.05 -0.50
N LEU A 388 -14.98 -22.11 -1.21
CA LEU A 388 -15.15 -22.16 -2.66
C LEU A 388 -13.81 -22.03 -3.45
N VAL A 390 -9.15 -23.49 -4.31
CA VAL A 390 -8.38 -24.05 -5.41
C VAL A 390 -6.98 -23.46 -5.38
N GLN A 391 -6.29 -23.66 -4.25
CA GLN A 391 -4.96 -23.11 -4.06
C GLN A 391 -3.95 -23.64 -5.05
N CYS A 392 -4.35 -24.60 -5.89
CA CYS A 392 -3.50 -25.04 -6.98
C CYS A 392 -3.33 -23.95 -8.02
N PHE A 393 -4.12 -22.87 -7.96
CA PHE A 393 -3.92 -21.79 -8.94
C PHE A 393 -2.99 -20.69 -8.45
N SER A 394 -2.42 -20.84 -7.26
CA SER A 394 -1.42 -19.91 -6.77
C SER A 394 -0.25 -19.77 -7.73
N ARG A 395 0.27 -18.56 -7.84
CA ARG A 395 1.46 -18.33 -8.65
C ARG A 395 2.68 -18.54 -7.76
N TYR A 396 3.44 -19.60 -8.04
CA TYR A 396 4.68 -19.85 -7.32
C TYR A 396 5.84 -19.26 -8.11
N PRO A 397 6.65 -18.38 -7.53
CA PRO A 397 7.84 -17.90 -8.24
C PRO A 397 8.78 -19.05 -8.59
N ASP A 398 9.62 -18.80 -9.60
CA ASP A 398 10.54 -19.81 -10.12
C ASP A 398 11.35 -20.49 -9.01
N HIS A 399 11.93 -19.70 -8.09
CA HIS A 399 12.75 -20.30 -7.05
C HIS A 399 11.95 -20.97 -5.96
N MET A 400 10.62 -20.99 -6.05
CA MET A 400 9.84 -21.69 -5.04
C MET A 400 9.05 -22.86 -5.62
N LYS A 401 9.28 -23.21 -6.89
CA LYS A 401 8.44 -24.20 -7.58
C LYS A 401 8.46 -25.55 -6.87
N GLN A 402 9.59 -25.91 -6.27
CA GLN A 402 9.67 -27.18 -5.57
C GLN A 402 8.80 -27.25 -4.32
N HIS A 403 8.12 -26.16 -3.94
CA HIS A 403 7.30 -26.17 -2.75
C HIS A 403 5.80 -26.18 -3.04
N ASP A 404 5.42 -26.42 -4.30
CA ASP A 404 4.02 -26.39 -4.74
C ASP A 404 3.42 -27.78 -4.60
N PHE A 405 2.95 -28.09 -3.37
CA PHE A 405 2.22 -29.34 -3.14
C PHE A 405 0.98 -29.41 -4.02
N PHE A 406 0.23 -28.31 -4.15
CA PHE A 406 -1.11 -28.39 -4.74
C PHE A 406 -1.06 -28.86 -6.17
N LYS A 407 -0.14 -28.31 -6.98
CA LYS A 407 -0.04 -28.78 -8.35
C LYS A 407 0.62 -30.15 -8.44
N SER A 408 1.48 -30.49 -7.48
CA SER A 408 2.16 -31.78 -7.58
C SER A 408 1.19 -32.95 -7.42
N ALA A 409 0.02 -32.73 -6.82
CA ALA A 409 -0.92 -33.82 -6.58
C ALA A 409 -1.85 -34.10 -7.75
N MET A 410 -1.85 -33.27 -8.72
CA MET A 410 -2.70 -33.37 -9.89
C MET A 410 -2.08 -34.35 -10.91
N PRO A 411 -2.90 -34.99 -11.76
CA PRO A 411 -4.35 -34.71 -11.86
C PRO A 411 -5.30 -35.41 -10.88
N GLU A 412 -4.84 -36.44 -10.19
CA GLU A 412 -5.75 -37.15 -9.30
C GLU A 412 -6.18 -36.29 -8.13
N GLY A 413 -5.37 -35.31 -7.74
CA GLY A 413 -5.83 -34.27 -6.86
C GLY A 413 -5.66 -34.52 -5.37
N TYR A 414 -6.41 -33.73 -4.59
CA TYR A 414 -6.21 -33.79 -3.16
C TYR A 414 -7.51 -33.55 -2.45
N ILE A 415 -7.56 -34.00 -1.21
CA ILE A 415 -8.67 -33.75 -0.31
C ILE A 415 -8.33 -32.56 0.56
N GLN A 416 -9.26 -31.64 0.72
CA GLN A 416 -9.04 -30.47 1.56
C GLN A 416 -10.12 -30.47 2.63
N GLU A 417 -9.70 -30.54 3.88
CA GLU A 417 -10.63 -30.52 4.98
C GLU A 417 -10.37 -29.30 5.83
N ARG A 418 -11.46 -28.66 6.29
CA ARG A 418 -11.35 -27.53 7.18
C ARG A 418 -12.39 -27.61 8.27
N THR A 419 -12.05 -27.04 9.41
CA THR A 419 -13.02 -26.60 10.40
C THR A 419 -12.87 -25.08 10.53
N ILE A 420 -13.99 -24.36 10.51
CA ILE A 420 -13.99 -22.92 10.57
C ILE A 420 -14.89 -22.54 11.74
N PHE A 421 -14.29 -21.95 12.77
CA PHE A 421 -15.03 -21.52 13.95
C PHE A 421 -15.22 -20.00 13.93
N PHE A 422 -16.49 -19.57 13.92
CA PHE A 422 -16.88 -18.18 14.04
C PHE A 422 -17.00 -17.82 15.53
N LYS A 423 -16.15 -16.90 15.99
CA LYS A 423 -16.14 -16.48 17.39
C LYS A 423 -17.54 -16.09 17.87
N ASP A 424 -17.94 -16.69 19.00
CA ASP A 424 -19.24 -16.45 19.60
C ASP A 424 -20.39 -16.90 18.71
N ASP A 425 -20.13 -17.86 17.82
CA ASP A 425 -21.19 -18.32 16.94
C ASP A 425 -20.86 -19.75 16.53
N GLY A 426 -21.51 -20.23 15.49
CA GLY A 426 -21.38 -21.62 15.06
C GLY A 426 -20.06 -21.89 14.34
N ASN A 427 -19.94 -23.12 13.83
CA ASN A 427 -18.77 -23.51 13.07
C ASN A 427 -19.16 -24.24 11.80
N TYR A 428 -18.28 -24.18 10.81
CA TYR A 428 -18.43 -24.93 9.57
C TYR A 428 -17.45 -26.08 9.62
N LYS A 429 -17.83 -27.22 9.06
CA LYS A 429 -16.92 -28.32 8.78
C LYS A 429 -17.07 -28.61 7.30
N THR A 430 -15.97 -28.60 6.57
CA THR A 430 -16.01 -28.72 5.14
C THR A 430 -15.06 -29.84 4.74
N ARG A 431 -15.42 -30.55 3.69
CA ARG A 431 -14.55 -31.54 3.07
C ARG A 431 -14.72 -31.42 1.56
N ALA A 432 -13.61 -31.43 0.85
CA ALA A 432 -13.59 -31.16 -0.58
C ALA A 432 -12.59 -32.07 -1.26
N GLU A 433 -12.94 -32.49 -2.48
CA GLU A 433 -12.00 -33.08 -3.42
C GLU A 433 -11.73 -32.03 -4.49
N VAL A 434 -10.46 -31.79 -4.75
CA VAL A 434 -10.02 -30.89 -5.82
C VAL A 434 -9.20 -31.73 -6.79
N LYS A 435 -9.66 -31.82 -8.04
CA LYS A 435 -9.02 -32.71 -9.01
C LYS A 435 -9.49 -32.36 -10.41
N PHE A 436 -8.77 -32.88 -11.39
CA PHE A 436 -9.19 -32.79 -12.79
C PHE A 436 -10.25 -33.82 -13.10
N GLU A 437 -11.31 -33.37 -13.74
CA GLU A 437 -12.33 -34.22 -14.34
C GLU A 437 -12.18 -33.86 -15.82
N GLY A 438 -11.50 -34.72 -16.58
CA GLY A 438 -11.18 -34.34 -17.95
C GLY A 438 -10.16 -33.23 -17.92
N ASP A 439 -10.45 -32.14 -18.61
CA ASP A 439 -9.57 -30.99 -18.65
C ASP A 439 -10.04 -29.85 -17.73
N THR A 440 -11.06 -30.08 -16.93
CA THR A 440 -11.59 -29.07 -16.03
C THR A 440 -11.08 -29.35 -14.64
N LEU A 441 -10.56 -28.32 -13.97
CA LEU A 441 -10.26 -28.45 -12.56
C LEU A 441 -11.57 -28.27 -11.79
N VAL A 442 -11.87 -29.21 -10.91
CA VAL A 442 -13.15 -29.23 -10.21
C VAL A 442 -12.94 -29.20 -8.71
N ASN A 443 -13.78 -28.47 -8.02
CA ASN A 443 -13.75 -28.40 -6.57
C ASN A 443 -15.14 -28.82 -6.09
N ARG A 444 -15.24 -30.02 -5.54
CA ARG A 444 -16.49 -30.52 -5.00
C ARG A 444 -16.45 -30.57 -3.48
N ILE A 445 -17.46 -29.98 -2.84
CA ILE A 445 -17.41 -29.65 -1.43
C ILE A 445 -18.70 -30.09 -0.75
N GLU A 446 -18.56 -30.61 0.46
CA GLU A 446 -19.68 -30.73 1.38
C GLU A 446 -19.37 -29.86 2.59
N LEU A 447 -20.36 -29.12 3.03
CA LEU A 447 -20.19 -28.21 4.14
C LEU A 447 -21.32 -28.42 5.12
N LYS A 448 -21.02 -28.61 6.37
CA LYS A 448 -22.01 -28.78 7.33
C LYS A 448 -21.74 -27.80 8.41
N GLY A 449 -22.69 -26.95 8.89
CA GLY A 449 -22.58 -25.93 9.93
C GLY A 449 -23.56 -26.19 11.05
N ILE A 450 -23.10 -25.98 12.28
CA ILE A 450 -23.91 -26.20 13.48
C ILE A 450 -23.64 -25.12 14.52
N ASP A 451 -24.55 -25.02 15.49
CA ASP A 451 -24.41 -24.19 16.68
C ASP A 451 -24.44 -22.69 16.35
N PHE A 452 -25.12 -22.31 15.28
CA PHE A 452 -25.22 -20.90 14.87
C PHE A 452 -26.40 -20.23 15.55
N LYS A 453 -26.18 -18.98 15.98
CA LYS A 453 -27.27 -18.11 16.44
C LYS A 453 -28.06 -17.62 15.24
N GLU A 454 -29.36 -17.94 15.17
CA GLU A 454 -30.21 -17.34 14.14
C GLU A 454 -30.24 -15.83 14.29
N ASP A 455 -29.91 -15.37 15.49
CA ASP A 455 -29.63 -14.00 15.89
C ASP A 455 -28.36 -13.39 15.31
N GLY A 456 -27.46 -14.19 14.78
CA GLY A 456 -26.06 -13.81 14.75
C GLY A 456 -25.70 -13.06 13.50
N ASN A 457 -24.38 -12.86 13.34
CA ASN A 457 -23.89 -12.13 12.19
C ASN A 457 -23.97 -12.95 10.92
N ILE A 458 -23.98 -14.27 11.02
CA ILE A 458 -23.97 -15.13 9.85
C ILE A 458 -25.39 -15.40 9.40
N LEU A 459 -26.17 -16.12 10.21
CA LEU A 459 -27.56 -16.40 9.81
C LEU A 459 -28.41 -15.14 9.76
N GLY A 460 -28.01 -14.09 10.47
CA GLY A 460 -28.64 -12.78 10.39
C GLY A 460 -28.20 -11.91 9.23
N HIS A 461 -27.26 -12.39 8.42
CA HIS A 461 -26.78 -11.64 7.25
C HIS A 461 -26.31 -10.25 7.64
N LYS A 462 -25.40 -10.19 8.62
CA LYS A 462 -24.94 -8.89 9.09
C LYS A 462 -23.52 -8.53 8.65
N LEU A 463 -22.94 -9.26 7.71
CA LEU A 463 -21.56 -9.01 7.29
C LEU A 463 -21.50 -8.21 5.99
N GLU A 464 -20.52 -7.33 5.92
CA GLU A 464 -20.25 -6.56 4.72
C GLU A 464 -19.88 -7.46 3.56
N TYR A 465 -20.28 -7.05 2.36
CA TYR A 465 -19.96 -7.76 1.14
C TYR A 465 -18.56 -7.35 0.68
N SER A 466 -17.58 -8.02 1.24
CA SER A 466 -16.20 -7.58 1.07
C SER A 466 -15.30 -8.71 1.53
N PHE A 467 -14.01 -8.62 1.15
CA PHE A 467 -13.04 -9.61 1.60
C PHE A 467 -11.64 -9.05 1.40
N ASN A 468 -11.07 -8.47 2.45
CA ASN A 468 -9.73 -7.90 2.33
C ASN A 468 -9.09 -7.81 3.70
N ASP A 469 -7.79 -7.53 3.69
CA ASP A 469 -7.01 -7.51 4.91
C ASP A 469 -6.78 -6.10 5.47
N GLY A 470 -7.47 -5.10 4.96
CA GLY A 470 -7.43 -3.78 5.56
C GLY A 470 -6.16 -2.97 5.33
N GLY A 471 -5.23 -3.47 4.52
CA GLY A 471 -3.95 -2.78 4.35
C GLY A 471 -3.96 -1.76 3.22
N ALA A 472 -3.33 -0.61 3.48
CA ALA A 472 -3.12 0.42 2.46
C ALA A 472 -1.83 1.21 2.72
N ALA A 473 -1.34 1.88 1.69
CA ALA A 473 -0.10 2.64 1.78
C ALA A 473 -0.14 3.83 0.85
N ASP A 474 0.17 5.00 1.39
CA ASP A 474 0.68 6.12 0.62
C ASP A 474 2.18 5.91 0.47
N PHE A 475 2.74 6.35 -0.66
CA PHE A 475 4.17 6.62 -0.71
C PHE A 475 4.31 7.85 -1.60
N VAL A 476 4.62 7.68 -2.89
CA VAL A 476 4.66 8.87 -3.76
C VAL A 476 3.59 8.84 -4.84
N GLY A 477 3.96 9.29 -6.04
CA GLY A 477 3.03 9.35 -7.15
C GLY A 477 3.05 8.05 -7.93
N PRO A 478 2.27 8.00 -9.02
CA PRO A 478 1.94 6.70 -9.61
C PRO A 478 3.07 6.01 -10.31
N ALA A 479 4.00 6.76 -10.94
CA ALA A 479 5.09 6.11 -11.68
C ALA A 479 6.09 5.43 -10.75
N VAL A 480 6.54 6.13 -9.70
CA VAL A 480 7.54 5.52 -8.82
C VAL A 480 6.92 4.39 -8.01
N ASN A 481 5.67 4.56 -7.57
CA ASN A 481 4.98 3.48 -6.87
C ASN A 481 4.83 2.26 -7.77
N TYR A 482 4.64 2.48 -9.07
CA TYR A 482 4.67 1.38 -10.02
C TYR A 482 6.06 0.78 -10.10
N ASN A 483 7.11 1.62 -10.16
CA ASN A 483 8.47 1.06 -10.14
C ASN A 483 8.67 0.09 -8.97
N LEU A 484 8.03 0.37 -7.83
CA LEU A 484 8.19 -0.42 -6.62
C LEU A 484 7.19 -1.59 -6.52
N GLY A 485 6.29 -1.72 -7.49
CA GLY A 485 5.43 -2.86 -7.59
C GLY A 485 4.07 -2.72 -6.95
N PHE A 486 3.65 -1.52 -6.55
CA PHE A 486 2.45 -1.43 -5.73
C PHE A 486 1.23 -1.97 -6.47
N HIS A 487 1.27 -1.99 -7.79
CA HIS A 487 0.12 -2.47 -8.52
C HIS A 487 -0.11 -3.97 -8.32
N GLN A 488 0.94 -4.68 -7.93
CA GLN A 488 0.87 -6.12 -7.70
C GLN A 488 0.21 -6.45 -6.38
N VAL A 489 0.33 -5.57 -5.38
CA VAL A 489 -0.09 -5.90 -4.02
C VAL A 489 -1.24 -5.03 -3.53
N ALA A 490 -1.81 -4.19 -4.38
CA ALA A 490 -2.94 -3.36 -3.98
C ALA A 490 -3.72 -3.02 -5.24
N LYS A 491 -5.00 -3.39 -5.28
CA LYS A 491 -5.78 -3.29 -6.50
C LYS A 491 -6.76 -2.11 -6.50
N TYR A 492 -6.66 -1.22 -5.53
CA TYR A 492 -7.38 0.04 -5.54
C TYR A 492 -6.42 1.21 -5.35
N ILE A 493 -6.72 2.31 -6.01
CA ILE A 493 -6.12 3.60 -5.76
C ILE A 493 -7.20 4.53 -5.22
N ILE A 494 -6.94 5.14 -4.08
CA ILE A 494 -7.87 6.06 -3.46
C ILE A 494 -7.36 7.48 -3.71
N MET A 495 -8.19 8.26 -4.40
CA MET A 495 -7.93 9.66 -4.65
C MET A 495 -9.13 10.51 -4.25
N GLY A 496 -8.88 11.82 -4.16
CA GLY A 496 -9.95 12.75 -3.93
C GLY A 496 -10.76 12.99 -5.17
N PRO A 497 -11.84 13.76 -5.01
CA PRO A 497 -12.66 14.13 -6.15
C PRO A 497 -11.87 14.98 -7.12
N PRO A 498 -12.42 15.23 -8.31
CA PRO A 498 -11.69 16.04 -9.31
C PRO A 498 -11.33 17.43 -8.82
N GLU A 499 -12.16 18.01 -7.95
CA GLU A 499 -11.83 19.30 -7.36
C GLU A 499 -10.61 19.21 -6.43
N THR A 500 -10.34 18.05 -5.82
CA THR A 500 -9.31 17.93 -4.79
C THR A 500 -8.68 16.55 -4.91
N PRO A 501 -7.90 16.32 -5.97
CA PRO A 501 -7.46 14.94 -6.23
C PRO A 501 -6.49 14.41 -5.21
N ALA A 502 -5.73 15.28 -4.54
CA ALA A 502 -4.74 14.88 -3.53
C ALA A 502 -5.15 15.55 -2.22
N ILE A 503 -5.61 14.74 -1.27
CA ILE A 503 -6.11 15.28 -0.03
C ILE A 503 -4.98 15.50 0.96
N HIS A 504 -4.03 14.56 1.03
CA HIS A 504 -3.04 14.61 2.11
C HIS A 504 -1.70 15.22 1.68
N GLN A 505 -1.23 14.94 0.46
CA GLN A 505 0.06 15.47 -0.01
C GLN A 505 0.04 15.91 -1.48
N PRO A 506 -0.47 17.09 -1.73
CA PRO A 506 -0.54 17.57 -3.12
C PRO A 506 0.79 18.06 -3.68
N VAL A 507 1.69 18.47 -2.81
CA VAL A 507 2.98 19.00 -3.24
C VAL A 507 4.06 18.44 -2.32
N ASP A 508 4.61 17.29 -2.70
CA ASP A 508 5.41 16.44 -1.79
C ASP A 508 6.88 16.74 -2.05
N LEU A 509 7.40 17.71 -1.33
CA LEU A 509 8.68 18.30 -1.71
C LEU A 509 9.86 17.51 -1.17
N MET A 510 10.91 17.40 -2.00
CA MET A 510 12.23 17.01 -1.53
C MET A 510 13.05 18.26 -1.20
N ASP A 511 14.34 18.09 -0.91
CA ASP A 511 15.28 19.20 -0.74
C ASP A 511 16.71 18.68 -0.89
N PHE A 512 17.67 19.60 -0.89
CA PHE A 512 19.07 19.29 -0.62
C PHE A 512 19.44 19.99 0.69
N THR A 513 20.01 19.24 1.62
CA THR A 513 20.52 19.74 2.89
C THR A 513 21.95 19.26 3.04
N ILE A 514 22.86 20.17 3.40
CA ILE A 514 24.29 19.91 3.42
C ILE A 514 24.80 20.12 4.85
N ASN A 515 25.70 19.23 5.29
CA ASN A 515 26.40 19.43 6.54
C ASN A 515 26.95 20.84 6.57
N LEU A 516 26.70 21.55 7.67
CA LEU A 516 26.96 22.99 7.66
C LEU A 516 28.45 23.31 7.57
N ASN A 517 29.30 22.50 8.22
CA ASN A 517 30.74 22.74 8.11
C ASN A 517 31.24 22.49 6.69
N ARG A 518 30.76 21.44 6.03
CA ARG A 518 31.12 21.22 4.65
C ARG A 518 30.66 22.39 3.77
N TRP A 519 29.47 22.90 4.02
CA TRP A 519 28.96 24.02 3.26
C TRP A 519 29.89 25.23 3.40
N ARG A 520 30.22 25.62 4.63
CA ARG A 520 31.06 26.79 4.86
C ARG A 520 32.48 26.62 4.35
N SER A 521 32.94 25.38 4.15
CA SER A 521 34.23 25.15 3.55
C SER A 521 34.22 25.41 2.06
N LEU A 522 33.06 25.37 1.43
CA LEU A 522 33.00 25.54 -0.02
C LEU A 522 33.14 27.00 -0.36
N PRO A 523 34.04 27.38 -1.26
CA PRO A 523 34.12 28.79 -1.67
C PRO A 523 32.76 29.32 -2.11
N LYS A 524 32.54 30.61 -1.88
CA LYS A 524 31.22 31.17 -2.12
C LYS A 524 30.81 31.10 -3.58
N PRO A 525 31.70 31.20 -4.55
CA PRO A 525 31.24 31.05 -5.94
C PRO A 525 30.67 29.68 -6.23
N LEU A 526 31.24 28.61 -5.65
CA LEU A 526 30.68 27.26 -5.84
C LEU A 526 29.40 27.07 -5.04
N GLN A 527 29.30 27.71 -3.88
CA GLN A 527 28.06 27.72 -3.13
C GLN A 527 26.90 28.23 -3.98
N GLU A 528 27.06 29.44 -4.55
CA GLU A 528 25.99 30.04 -5.33
C GLU A 528 25.64 29.18 -6.53
N ARG A 529 26.65 28.59 -7.18
CA ARG A 529 26.37 27.71 -8.30
C ARG A 529 25.64 26.45 -7.90
N PHE A 530 25.91 25.92 -6.71
CA PHE A 530 25.16 24.76 -6.24
C PHE A 530 23.71 25.11 -5.96
N ILE A 531 23.46 26.28 -5.36
CA ILE A 531 22.11 26.75 -5.15
C ILE A 531 21.38 26.85 -6.48
N ALA A 532 22.02 27.48 -7.45
CA ALA A 532 21.40 27.58 -8.78
C ALA A 532 21.15 26.19 -9.34
N ALA A 533 22.13 25.31 -9.23
CA ALA A 533 21.97 23.96 -9.75
C ALA A 533 20.78 23.25 -9.12
N VAL A 534 20.59 23.43 -7.82
CA VAL A 534 19.48 22.74 -7.16
C VAL A 534 18.17 23.33 -7.64
N HIS A 535 18.09 24.66 -7.80
CA HIS A 535 16.83 25.25 -8.22
C HIS A 535 16.45 24.80 -9.63
N GLU A 536 17.43 24.68 -10.51
CA GLU A 536 17.17 24.16 -11.85
C GLU A 536 16.71 22.71 -11.78
N TYR A 537 17.41 21.91 -10.98
CA TYR A 537 17.04 20.50 -10.88
C TYR A 537 15.67 20.30 -10.24
N SER A 538 15.25 21.19 -9.36
CA SER A 538 13.92 21.04 -8.79
C SER A 538 12.85 20.81 -9.88
N TRP A 539 12.93 21.55 -10.97
CA TRP A 539 11.94 21.56 -12.03
C TRP A 539 12.27 20.56 -13.14
N ILE A 540 13.56 20.30 -13.39
CA ILE A 540 13.91 19.15 -14.21
C ILE A 540 13.39 17.85 -13.58
N HIS A 541 13.57 17.71 -12.26
CA HIS A 541 13.10 16.54 -11.54
C HIS A 541 11.58 16.45 -11.59
N TYR A 542 10.90 17.54 -11.20
CA TYR A 542 9.45 17.63 -11.37
C TYR A 542 9.03 17.17 -12.74
N ALA A 543 9.62 17.76 -13.78
CA ALA A 543 9.15 17.48 -15.13
C ALA A 543 9.38 16.02 -15.48
N GLY A 544 10.51 15.45 -15.07
CA GLY A 544 10.74 14.03 -15.33
C GLY A 544 9.73 13.12 -14.66
N ILE A 545 9.39 13.41 -13.41
CA ILE A 545 8.41 12.61 -12.68
C ILE A 545 7.06 12.70 -13.35
N GLN A 546 6.66 13.91 -13.73
CA GLN A 546 5.35 14.10 -14.34
C GLN A 546 5.26 13.35 -15.65
N LYS A 547 6.36 13.31 -16.40
CA LYS A 547 6.34 12.56 -17.67
C LYS A 547 6.12 11.09 -17.39
N ALA A 548 6.90 10.52 -16.47
CA ALA A 548 6.71 9.11 -16.13
C ALA A 548 5.29 8.84 -15.65
N ASN A 549 4.69 9.76 -14.90
CA ASN A 549 3.35 9.50 -14.37
C ASN A 549 2.34 9.33 -15.48
N LEU A 550 2.52 10.07 -16.58
CA LEU A 550 1.63 9.90 -17.73
C LEU A 550 1.68 8.47 -18.26
N GLU A 551 2.86 7.87 -18.26
CA GLU A 551 3.00 6.50 -18.76
C GLU A 551 2.41 5.50 -17.79
N ALA A 552 2.32 5.85 -16.51
CA ALA A 552 1.99 4.86 -15.51
C ALA A 552 0.49 4.58 -15.39
N TRP A 553 -0.36 5.58 -15.62
CA TRP A 553 -1.78 5.36 -15.35
C TRP A 553 -2.35 4.23 -16.18
N PRO A 554 -2.08 4.15 -17.49
CA PRO A 554 -2.57 2.99 -18.26
C PRO A 554 -2.04 1.65 -17.72
N LYS A 555 -0.80 1.60 -17.22
CA LYS A 555 -0.28 0.36 -16.68
C LYS A 555 -1.07 -0.09 -15.45
N TYR A 556 -1.63 0.86 -14.69
CA TYR A 556 -2.42 0.47 -13.52
C TYR A 556 -3.71 -0.24 -13.95
N ARG A 557 -4.37 0.28 -14.98
CA ARG A 557 -5.60 -0.36 -15.48
C ARG A 557 -5.31 -1.77 -16.00
N GLN A 558 -4.22 -1.95 -16.76
CA GLN A 558 -3.84 -3.28 -17.22
C GLN A 558 -3.60 -4.23 -16.06
N ALA A 559 -3.11 -3.74 -14.93
CA ALA A 559 -2.90 -4.63 -13.79
C ALA A 559 -4.18 -4.90 -12.99
N GLY A 560 -5.33 -4.42 -13.45
CA GLY A 560 -6.58 -4.61 -12.72
C GLY A 560 -6.81 -3.69 -11.56
N VAL A 561 -6.09 -2.55 -11.46
CA VAL A 561 -6.25 -1.61 -10.36
C VAL A 561 -7.40 -0.70 -10.69
N GLU A 562 -8.25 -0.45 -9.72
CA GLU A 562 -9.37 0.46 -9.87
C GLU A 562 -9.09 1.78 -9.14
N VAL A 563 -9.25 2.88 -9.83
CA VAL A 563 -9.13 4.20 -9.25
C VAL A 563 -10.48 4.60 -8.67
N ILE A 564 -10.49 4.89 -7.37
CA ILE A 564 -11.68 5.25 -6.62
C ILE A 564 -11.57 6.72 -6.29
N ARG A 565 -12.63 7.49 -6.58
CA ARG A 565 -12.67 8.91 -6.28
C ARG A 565 -13.62 9.15 -5.11
N LEU A 566 -13.08 9.73 -4.04
CA LEU A 566 -13.89 10.23 -2.93
C LEU A 566 -14.67 11.45 -3.39
N SER A 567 -15.53 11.96 -2.51
CA SER A 567 -16.44 13.04 -2.85
C SER A 567 -16.02 14.36 -2.21
N ASN A 568 -16.65 15.45 -2.68
CA ASN A 568 -16.47 16.74 -2.05
C ASN A 568 -16.92 16.72 -0.60
N GLU A 569 -17.98 15.99 -0.30
CA GLU A 569 -18.35 15.87 1.11
C GLU A 569 -17.26 15.17 1.91
N ASP A 570 -16.62 14.13 1.33
CA ASP A 570 -15.52 13.47 2.02
C ASP A 570 -14.41 14.45 2.32
N VAL A 571 -14.16 15.36 1.39
CA VAL A 571 -13.09 16.33 1.58
C VAL A 571 -13.45 17.27 2.72
N ARG A 572 -14.71 17.73 2.76
CA ARG A 572 -15.11 18.61 3.87
C ARG A 572 -14.89 17.94 5.21
N LYS A 573 -15.13 16.63 5.29
CA LYS A 573 -14.91 15.90 6.54
C LYS A 573 -13.44 15.87 6.91
N PHE A 574 -12.55 15.71 5.91
CA PHE A 574 -11.12 15.75 6.21
C PHE A 574 -10.72 17.15 6.61
N ARG A 575 -11.34 18.15 5.98
CA ARG A 575 -10.91 19.52 6.23
C ARG A 575 -11.18 19.93 7.67
N ARG A 576 -12.32 19.51 8.24
CA ARG A 576 -12.59 19.86 9.62
C ARG A 576 -11.64 19.18 10.57
N LEU A 577 -11.03 18.07 10.17
CA LEU A 577 -9.97 17.49 10.98
C LEU A 577 -8.62 18.13 10.71
N ALA A 578 -8.38 18.59 9.49
CA ALA A 578 -7.03 19.04 9.13
C ALA A 578 -6.69 20.39 9.75
N ILE A 579 -7.62 21.36 9.67
CA ILE A 579 -7.31 22.71 10.15
C ILE A 579 -6.84 22.73 11.60
N PRO A 580 -7.54 22.10 12.55
CA PRO A 580 -6.99 22.08 13.93
C PRO A 580 -5.60 21.48 14.02
N ILE A 581 -5.32 20.44 13.24
CA ILE A 581 -3.99 19.84 13.23
C ILE A 581 -2.95 20.84 12.70
N TRP A 582 -3.31 21.67 11.72
CA TRP A 582 -2.35 22.70 11.30
C TRP A 582 -1.93 23.57 12.49
N PHE A 583 -2.91 24.03 13.26
CA PHE A 583 -2.61 25.02 14.30
C PHE A 583 -1.82 24.39 15.45
N LYS A 584 -2.10 23.13 15.75
CA LYS A 584 -1.37 22.45 16.80
C LYS A 584 0.10 22.30 16.44
N TRP A 585 0.40 21.94 15.19
CA TRP A 585 1.80 21.80 14.80
C TRP A 585 2.44 23.18 14.70
N ALA A 586 1.66 24.16 14.27
CA ALA A 586 2.19 25.49 14.09
C ALA A 586 2.73 26.04 15.41
N LYS A 587 2.05 25.75 16.53
CA LYS A 587 2.36 26.31 17.84
C LYS A 587 3.51 25.62 18.55
N MET A 588 4.13 24.60 17.93
CA MET A 588 5.18 23.83 18.60
C MET A 588 6.40 24.69 18.92
N ASP A 589 6.90 25.49 17.98
CA ASP A 589 8.04 26.35 18.31
C ASP A 589 8.04 27.58 17.41
N LYS A 590 9.08 28.40 17.54
CA LYS A 590 9.07 29.69 16.87
C LYS A 590 9.20 29.58 15.35
N TYR A 591 9.89 28.55 14.85
CA TYR A 591 10.03 28.36 13.42
C TYR A 591 8.75 27.85 12.79
N SER A 592 8.11 26.87 13.44
CA SER A 592 6.85 26.38 12.91
C SER A 592 5.77 27.45 12.97
N ARG A 593 5.77 28.27 14.02
CA ARG A 593 4.86 29.40 14.10
C ARG A 593 5.09 30.39 12.97
N GLU A 594 6.35 30.78 12.73
CA GLU A 594 6.65 31.75 11.69
C GLU A 594 6.24 31.23 10.32
N ALA A 595 6.51 29.96 10.04
CA ALA A 595 6.21 29.43 8.70
C ALA A 595 4.72 29.29 8.49
N PHE A 596 3.99 28.78 9.50
CA PHE A 596 2.55 28.66 9.28
C PHE A 596 1.88 30.02 9.25
N ALA A 597 2.38 31.00 10.01
CA ALA A 597 1.73 32.31 10.00
C ALA A 597 1.76 32.92 8.60
N SER A 598 2.89 32.77 7.88
CA SER A 598 3.03 33.32 6.54
C SER A 598 2.30 32.46 5.52
N GLN A 599 2.19 31.15 5.76
CA GLN A 599 1.39 30.34 4.86
C GLN A 599 -0.10 30.64 5.04
N LEU A 600 -0.52 30.90 6.28
CA LEU A 600 -1.92 31.19 6.55
C LEU A 600 -2.33 32.51 5.91
N GLU A 601 -1.49 33.55 6.08
CA GLU A 601 -1.73 34.82 5.40
C GLU A 601 -1.87 34.62 3.89
N TYR A 602 -0.94 33.86 3.28
CA TYR A 602 -1.02 33.59 1.84
C TYR A 602 -2.32 32.87 1.50
N MET A 603 -2.67 31.83 2.26
CA MET A 603 -3.90 31.11 1.97
C MET A 603 -5.12 32.02 2.07
N LYS A 604 -5.18 32.90 3.07
CA LYS A 604 -6.29 33.84 3.13
C LYS A 604 -6.26 34.78 1.92
N GLY A 605 -5.07 35.16 1.48
CA GLY A 605 -4.96 36.06 0.35
C GLY A 605 -5.49 35.50 -0.96
N ILE A 606 -5.41 34.19 -1.15
CA ILE A 606 -5.85 33.58 -2.40
C ILE A 606 -7.13 32.77 -2.20
N GLY A 607 -7.83 32.98 -1.10
CA GLY A 607 -9.15 32.38 -0.91
C GLY A 607 -9.15 30.93 -0.51
N TYR A 608 -8.05 30.41 0.04
CA TYR A 608 -8.00 29.03 0.46
C TYR A 608 -8.52 28.82 1.87
N VAL A 609 -8.55 29.85 2.70
CA VAL A 609 -9.05 29.76 4.06
C VAL A 609 -9.98 30.95 4.32
N THR A 610 -11.12 30.68 4.92
CA THR A 610 -11.99 31.74 5.42
C THR A 610 -11.77 31.89 6.92
N ASP A 611 -12.03 33.09 7.44
CA ASP A 611 -11.91 33.30 8.88
C ASP A 611 -12.99 32.53 9.66
N GLU A 612 -14.18 32.38 9.10
CA GLU A 612 -15.25 31.68 9.80
C GLU A 612 -14.90 30.21 10.08
N GLU A 613 -14.26 29.55 9.12
CA GLU A 613 -14.07 28.12 9.29
C GLU A 613 -13.00 27.80 10.31
N LEU A 614 -12.25 28.80 10.76
CA LEU A 614 -11.28 28.58 11.83
C LEU A 614 -11.96 28.36 13.18
N LYS A 615 -13.16 28.92 13.34
CA LYS A 615 -13.96 28.75 14.56
C LYS A 615 -13.15 29.11 15.81
N GLY A 616 -12.46 30.24 15.74
CA GLY A 616 -11.74 30.78 16.86
C GLY A 616 -10.26 30.47 16.90
N LEU A 617 -9.76 29.57 16.05
CA LEU A 617 -8.34 29.23 16.10
C LEU A 617 -7.49 30.42 15.69
N SER A 618 -6.40 30.64 16.42
CA SER A 618 -5.49 31.71 16.10
C SER A 618 -4.12 31.33 16.64
N LEU A 619 -3.09 31.95 16.08
CA LEU A 619 -1.77 31.88 16.66
C LEU A 619 -1.64 32.93 17.78
#